data_4RDW
#
_entry.id   4RDW
#
_cell.length_a   133.223
_cell.length_b   133.223
_cell.length_c   124.852
_cell.angle_alpha   90.00
_cell.angle_beta   90.00
_cell.angle_gamma   90.00
#
_symmetry.space_group_name_H-M   'I 41 2 2'
#
loop_
_entity.id
_entity.type
_entity.pdbx_description
1 polymer 'N-formimino-L-Glutamate Iminohydrolase'
2 non-polymer 'ZINC ION'
3 non-polymer 'N-carbamimidoyl-L-glutamic acid'
4 non-polymer 1,2-ETHANEDIOL
5 non-polymer GLYCEROL
6 non-polymer DI(HYDROXYETHYL)ETHER
7 water water
#
_entity_poly.entity_id   1
_entity_poly.type   'polypeptide(L)'
_entity_poly.pdbx_seq_one_letter_code
;MSAIFAERALLPEGWARNVRFEISADGVLAEIRPDANADGAERLGGAVLPGMPNLHSHAFQRAMAGLAEVAGNPNDSFWT
WRELMYRMVARLSPEQIEVIACQLYIEMLKAGYTAVAEFHYVHHDLDGRSYADPAELSLRISRAASAAGIGLTLLPVLYS
HAGFGGQPASEGQRRFINGSEAYLELLQRLRAPLEAAGHSLGLCFHSLRAVTPQQIATVLAAGHDDLPVHIHIAEQQKEV
DDCQAWSGRRPLQWLYENVAVDQRWCLVHATHADPAEVAAMARSGAVAGLCLSTEANLGDGIFPATDFLAQGGRLGIGSD
SHVSLSVVEELRWLEYGQRLRDRKRNRLYRDDQPMIGRTLYDAALAGGAQALGQPIGSLAVGRRADLLVLDGNDPYLASA
EGDALLNRWLFAGGDRQVRDVMVAGRWVVRDGRHAGEERSARAFVQVLGELLD
;
_entity_poly.pdbx_strand_id   A
#
# COMPACT_ATOMS: atom_id res chain seq x y z
N SER A 2 -15.82 23.76 -3.52
CA SER A 2 -16.38 23.60 -2.17
C SER A 2 -15.34 24.00 -1.13
N ALA A 3 -15.79 24.26 0.08
CA ALA A 3 -14.88 24.71 1.13
C ALA A 3 -15.16 23.93 2.40
N ILE A 4 -14.09 23.56 3.09
CA ILE A 4 -14.19 22.92 4.40
C ILE A 4 -13.31 23.67 5.40
N PHE A 5 -13.63 23.51 6.68
CA PHE A 5 -12.96 24.27 7.73
C PHE A 5 -12.57 23.37 8.89
N ALA A 6 -11.29 23.41 9.26
CA ALA A 6 -10.79 22.56 10.34
C ALA A 6 -10.20 23.39 11.46
N GLU A 7 -10.69 23.19 12.69
CA GLU A 7 -10.11 23.89 13.83
C GLU A 7 -8.64 23.50 14.00
N ARG A 8 -8.32 22.25 13.67
CA ARG A 8 -6.92 21.79 13.71
C ARG A 8 -6.63 20.95 12.48
N ALA A 9 -5.53 21.23 11.80
CA ALA A 9 -5.13 20.41 10.66
C ALA A 9 -3.61 20.28 10.56
N LEU A 10 -3.15 19.12 10.10
CA LEU A 10 -1.72 18.91 9.90
C LEU A 10 -1.33 19.31 8.49
N LEU A 11 -0.71 20.48 8.38
CA LEU A 11 -0.27 21.02 7.09
C LEU A 11 1.22 20.68 6.90
N PRO A 12 1.78 20.95 5.70
CA PRO A 12 3.17 20.53 5.48
C PRO A 12 4.17 21.14 6.45
N GLU A 13 3.94 22.39 6.86
CA GLU A 13 4.83 23.07 7.79
C GLU A 13 4.57 22.69 9.24
N GLY A 14 3.52 21.91 9.49
CA GLY A 14 3.16 21.47 10.82
C GLY A 14 1.71 21.75 11.14
N TRP A 15 1.34 21.53 12.40
CA TRP A 15 -0.02 21.79 12.85
C TRP A 15 -0.42 23.24 12.70
N ALA A 16 -1.64 23.45 12.21
CA ALA A 16 -2.19 24.78 12.08
C ALA A 16 -3.61 24.82 12.64
N ARG A 17 -4.10 26.02 12.91
CA ARG A 17 -5.42 26.20 13.52
C ARG A 17 -6.36 26.93 12.57
N ASN A 18 -7.64 26.60 12.65
CA ASN A 18 -8.69 27.34 11.94
C ASN A 18 -8.39 27.46 10.45
N VAL A 19 -8.19 26.30 9.82
CA VAL A 19 -7.74 26.25 8.45
C VAL A 19 -8.93 26.09 7.52
N ARG A 20 -9.08 27.04 6.59
CA ARG A 20 -10.10 26.95 5.58
C ARG A 20 -9.47 26.45 4.29
N PHE A 21 -10.00 25.36 3.77
CA PHE A 21 -9.51 24.76 2.53
C PHE A 21 -10.53 25.00 1.43
N GLU A 22 -10.08 25.50 0.29
N GLU A 22 -10.07 25.50 0.30
CA GLU A 22 -10.92 25.55 -0.90
CA GLU A 22 -10.90 25.54 -0.90
C GLU A 22 -10.54 24.40 -1.81
C GLU A 22 -10.53 24.36 -1.78
N ILE A 23 -11.54 23.64 -2.25
CA ILE A 23 -11.32 22.45 -3.05
C ILE A 23 -11.94 22.63 -4.42
N SER A 24 -11.16 22.36 -5.47
CA SER A 24 -11.64 22.55 -6.83
C SER A 24 -12.71 21.54 -7.19
N ALA A 25 -13.45 21.82 -8.27
CA ALA A 25 -14.46 20.91 -8.77
C ALA A 25 -13.88 19.53 -9.10
N ASP A 26 -12.58 19.49 -9.38
CA ASP A 26 -11.90 18.24 -9.71
C ASP A 26 -11.19 17.59 -8.52
N GLY A 27 -11.42 18.14 -7.33
CA GLY A 27 -10.95 17.53 -6.10
C GLY A 27 -9.51 17.85 -5.75
N VAL A 28 -9.02 18.98 -6.28
CA VAL A 28 -7.67 19.42 -6.01
C VAL A 28 -7.68 20.56 -5.00
N LEU A 29 -6.77 20.52 -4.03
CA LEU A 29 -6.62 21.62 -3.09
C LEU A 29 -6.24 22.91 -3.80
N ALA A 30 -7.10 23.92 -3.68
CA ALA A 30 -6.93 25.15 -4.45
C ALA A 30 -6.44 26.34 -3.61
N GLU A 31 -6.83 26.35 -2.34
CA GLU A 31 -6.43 27.39 -1.41
C GLU A 31 -6.47 26.81 -0.01
N ILE A 32 -5.45 27.14 0.78
CA ILE A 32 -5.35 26.65 2.15
C ILE A 32 -4.96 27.82 3.03
N ARG A 33 -5.86 28.23 3.92
CA ARG A 33 -5.66 29.44 4.69
C ARG A 33 -5.84 29.19 6.18
N PRO A 34 -4.73 29.15 6.93
CA PRO A 34 -4.80 29.04 8.39
C PRO A 34 -5.30 30.33 9.05
N ASP A 35 -5.78 30.21 10.28
CA ASP A 35 -6.25 31.36 11.06
C ASP A 35 -7.33 32.12 10.30
N ALA A 36 -8.25 31.37 9.70
CA ALA A 36 -9.29 31.92 8.85
C ALA A 36 -10.67 31.84 9.52
N ASN A 37 -11.66 32.42 8.85
CA ASN A 37 -13.05 32.29 9.26
C ASN A 37 -13.71 31.15 8.51
N ALA A 38 -14.74 30.56 9.11
CA ALA A 38 -15.38 29.36 8.56
C ALA A 38 -16.60 29.69 7.73
N ASP A 39 -16.74 30.96 7.39
CA ASP A 39 -17.95 31.44 6.72
C ASP A 39 -18.23 30.70 5.41
N GLY A 40 -19.33 29.96 5.40
CA GLY A 40 -19.76 29.25 4.20
C GLY A 40 -19.08 27.91 3.98
N ALA A 41 -18.16 27.55 4.87
CA ALA A 41 -17.46 26.27 4.74
C ALA A 41 -18.03 25.25 5.71
N GLU A 42 -17.94 23.98 5.33
CA GLU A 42 -18.37 22.89 6.20
C GLU A 42 -17.39 22.75 7.36
N ARG A 43 -17.88 22.94 8.59
CA ARG A 43 -17.01 22.82 9.76
C ARG A 43 -16.79 21.33 10.08
N LEU A 44 -15.52 20.91 10.10
CA LEU A 44 -15.20 19.50 10.31
C LEU A 44 -15.23 19.11 11.78
N GLY A 45 -15.44 17.82 12.02
CA GLY A 45 -15.73 17.36 13.37
C GLY A 45 -14.57 16.94 14.23
N GLY A 46 -13.34 17.19 13.77
CA GLY A 46 -12.16 16.80 14.52
C GLY A 46 -10.88 17.16 13.79
N ALA A 47 -9.75 16.66 14.28
CA ALA A 47 -8.45 16.99 13.69
C ALA A 47 -8.32 16.40 12.30
N VAL A 48 -7.77 17.19 11.37
CA VAL A 48 -7.64 16.75 9.99
C VAL A 48 -6.20 16.37 9.65
N LEU A 49 -6.03 15.21 9.01
CA LEU A 49 -4.72 14.72 8.57
C LEU A 49 -4.78 14.40 7.09
N PRO A 50 -3.63 14.47 6.42
CA PRO A 50 -3.59 13.89 5.08
C PRO A 50 -3.94 12.41 5.13
N GLY A 51 -4.65 11.91 4.13
CA GLY A 51 -4.97 10.49 4.08
C GLY A 51 -3.73 9.64 3.90
N MET A 52 -3.77 8.40 4.40
CA MET A 52 -2.58 7.56 4.33
C MET A 52 -2.59 6.68 3.09
N PRO A 53 -1.56 6.80 2.24
CA PRO A 53 -1.52 5.85 1.11
C PRO A 53 -1.17 4.44 1.61
N ASN A 54 -1.77 3.43 0.98
CA ASN A 54 -1.50 2.03 1.25
C ASN A 54 -0.67 1.53 0.08
N LEU A 55 0.63 1.34 0.27
CA LEU A 55 1.49 1.12 -0.90
C LEU A 55 1.64 -0.32 -1.37
N HIS A 56 0.85 -1.25 -0.84
CA HIS A 56 0.96 -2.65 -1.29
C HIS A 56 -0.26 -3.46 -0.91
N SER A 57 -0.92 -4.05 -1.90
CA SER A 57 -2.15 -4.81 -1.70
C SER A 57 -2.27 -5.95 -2.70
N HIS A 58 -2.75 -7.11 -2.24
CA HIS A 58 -3.25 -8.16 -3.16
C HIS A 58 -4.70 -8.38 -2.73
N ALA A 59 -5.61 -7.71 -3.40
CA ALA A 59 -6.99 -7.60 -2.93
C ALA A 59 -7.66 -8.91 -2.58
N PHE A 60 -7.55 -9.91 -3.44
CA PHE A 60 -8.28 -11.15 -3.23
C PHE A 60 -7.94 -11.83 -1.91
N GLN A 61 -6.74 -11.56 -1.39
CA GLN A 61 -6.33 -12.23 -0.15
C GLN A 61 -7.20 -11.87 1.04
N ARG A 62 -7.91 -10.75 0.98
CA ARG A 62 -8.81 -10.42 2.09
C ARG A 62 -9.85 -11.53 2.32
N ALA A 63 -10.24 -12.21 1.24
CA ALA A 63 -11.23 -13.27 1.38
C ALA A 63 -10.75 -14.43 2.27
N MET A 64 -9.44 -14.66 2.32
CA MET A 64 -8.89 -15.75 3.12
C MET A 64 -8.29 -15.28 4.45
N ALA A 65 -8.39 -13.97 4.72
CA ALA A 65 -7.73 -13.37 5.89
C ALA A 65 -8.15 -14.03 7.19
N GLY A 66 -7.17 -14.53 7.95
CA GLY A 66 -7.44 -15.20 9.20
C GLY A 66 -7.68 -16.70 9.08
N LEU A 67 -7.96 -17.18 7.87
CA LEU A 67 -8.33 -18.59 7.73
C LEU A 67 -7.12 -19.51 7.68
N ALA A 68 -5.94 -18.92 7.48
CA ALA A 68 -4.71 -19.72 7.44
C ALA A 68 -4.06 -19.92 8.80
N GLU A 69 -4.78 -19.64 9.88
CA GLU A 69 -4.18 -19.77 11.22
C GLU A 69 -4.52 -21.12 11.82
N VAL A 70 -4.08 -22.17 11.14
CA VAL A 70 -4.32 -23.54 11.53
C VAL A 70 -3.02 -24.31 11.36
N ALA A 71 -2.50 -24.87 12.44
CA ALA A 71 -1.27 -25.62 12.36
C ALA A 71 -1.50 -26.90 11.56
N GLY A 72 -0.74 -27.06 10.48
CA GLY A 72 -0.83 -28.28 9.69
C GLY A 72 0.50 -28.99 9.71
N ASN A 73 1.42 -28.44 10.50
CA ASN A 73 2.80 -28.91 10.55
C ASN A 73 3.45 -28.28 11.77
N PRO A 74 4.40 -28.99 12.41
CA PRO A 74 5.10 -28.39 13.55
C PRO A 74 5.93 -27.17 13.15
N ASN A 75 6.26 -27.07 11.88
CA ASN A 75 6.99 -25.91 11.37
C ASN A 75 6.28 -25.26 10.18
N ASP A 76 5.03 -24.87 10.38
CA ASP A 76 4.32 -24.12 9.35
C ASP A 76 5.10 -22.86 9.03
N SER A 77 4.99 -22.41 7.78
CA SER A 77 5.76 -21.26 7.36
C SER A 77 5.05 -20.58 6.20
N PHE A 78 5.66 -19.49 5.75
CA PHE A 78 5.20 -18.76 4.58
C PHE A 78 4.91 -19.68 3.39
N TRP A 79 5.69 -20.75 3.27
CA TRP A 79 5.61 -21.61 2.10
C TRP A 79 4.42 -22.58 2.12
N THR A 80 3.98 -23.01 3.30
CA THR A 80 2.74 -23.78 3.39
C THR A 80 1.52 -22.84 3.31
N TRP A 81 1.67 -21.62 3.81
CA TRP A 81 0.62 -20.62 3.64
C TRP A 81 0.38 -20.36 2.15
N ARG A 82 1.47 -20.31 1.39
CA ARG A 82 1.39 -19.96 -0.02
C ARG A 82 0.58 -20.99 -0.79
N GLU A 83 0.70 -22.26 -0.38
CA GLU A 83 -0.09 -23.31 -1.02
C GLU A 83 -1.58 -23.07 -0.79
N LEU A 84 -1.94 -22.62 0.41
CA LEU A 84 -3.35 -22.36 0.71
C LEU A 84 -3.85 -21.19 -0.14
N MET A 85 -3.01 -20.17 -0.29
CA MET A 85 -3.35 -19.01 -1.10
C MET A 85 -3.55 -19.45 -2.57
N TYR A 86 -2.66 -20.31 -3.06
CA TYR A 86 -2.83 -20.81 -4.43
C TYR A 86 -4.15 -21.56 -4.60
N ARG A 87 -4.58 -22.30 -3.59
CA ARG A 87 -5.84 -23.03 -3.69
C ARG A 87 -7.03 -22.07 -3.84
N MET A 88 -6.99 -20.94 -3.14
CA MET A 88 -8.06 -19.95 -3.29
C MET A 88 -8.00 -19.24 -4.64
N VAL A 89 -6.81 -18.83 -5.07
CA VAL A 89 -6.71 -18.16 -6.36
C VAL A 89 -7.27 -19.02 -7.47
N ALA A 90 -7.12 -20.33 -7.35
CA ALA A 90 -7.51 -21.25 -8.41
C ALA A 90 -9.02 -21.26 -8.64
N ARG A 91 -9.80 -20.83 -7.64
CA ARG A 91 -11.24 -20.91 -7.78
C ARG A 91 -11.94 -19.56 -7.93
N LEU A 92 -11.18 -18.47 -7.99
CA LEU A 92 -11.78 -17.14 -8.01
C LEU A 92 -12.26 -16.69 -9.39
N SER A 93 -13.55 -16.44 -9.51
CA SER A 93 -14.10 -15.94 -10.77
C SER A 93 -13.86 -14.43 -10.88
N PRO A 94 -13.99 -13.88 -12.09
CA PRO A 94 -13.85 -12.42 -12.26
C PRO A 94 -14.80 -11.63 -11.35
N GLU A 95 -16.05 -12.10 -11.26
CA GLU A 95 -17.06 -11.44 -10.45
C GLU A 95 -16.70 -11.50 -8.97
N GLN A 96 -16.21 -12.63 -8.51
CA GLN A 96 -15.78 -12.74 -7.12
C GLN A 96 -14.61 -11.84 -6.80
N ILE A 97 -13.62 -11.81 -7.70
CA ILE A 97 -12.47 -10.94 -7.51
C ILE A 97 -12.90 -9.49 -7.37
N GLU A 98 -13.83 -9.05 -8.21
CA GLU A 98 -14.29 -7.66 -8.17
C GLU A 98 -15.05 -7.37 -6.89
N VAL A 99 -15.91 -8.30 -6.45
CA VAL A 99 -16.67 -8.11 -5.21
C VAL A 99 -15.73 -8.00 -4.03
N ILE A 100 -14.73 -8.87 -3.98
CA ILE A 100 -13.76 -8.82 -2.88
C ILE A 100 -13.01 -7.49 -2.87
N ALA A 101 -12.57 -7.04 -4.04
CA ALA A 101 -11.82 -5.79 -4.14
C ALA A 101 -12.68 -4.61 -3.67
N CYS A 102 -13.93 -4.55 -4.12
CA CYS A 102 -14.79 -3.42 -3.74
C CYS A 102 -14.97 -3.37 -2.22
N GLN A 103 -15.30 -4.50 -1.62
CA GLN A 103 -15.48 -4.58 -0.17
C GLN A 103 -14.19 -4.20 0.56
N LEU A 104 -13.08 -4.75 0.12
CA LEU A 104 -11.78 -4.43 0.71
C LEU A 104 -11.47 -2.93 0.67
N TYR A 105 -11.72 -2.30 -0.47
CA TYR A 105 -11.41 -0.89 -0.62
C TYR A 105 -12.30 -0.03 0.27
N ILE A 106 -13.57 -0.44 0.43
CA ILE A 106 -14.44 0.25 1.39
C ILE A 106 -13.87 0.17 2.81
N GLU A 107 -13.43 -1.03 3.20
CA GLU A 107 -12.82 -1.21 4.51
C GLU A 107 -11.53 -0.41 4.68
N MET A 108 -10.72 -0.34 3.61
CA MET A 108 -9.52 0.48 3.66
C MET A 108 -9.84 1.93 3.92
N LEU A 109 -10.83 2.45 3.20
CA LEU A 109 -11.22 3.86 3.37
C LEU A 109 -11.65 4.12 4.82
N LYS A 110 -12.40 3.19 5.39
CA LYS A 110 -12.91 3.39 6.76
C LYS A 110 -11.77 3.45 7.78
N ALA A 111 -10.63 2.84 7.44
CA ALA A 111 -9.45 2.84 8.31
C ALA A 111 -8.56 4.06 8.13
N GLY A 112 -8.82 4.84 7.08
CA GLY A 112 -8.01 6.02 6.81
C GLY A 112 -7.02 5.87 5.66
N TYR A 113 -7.06 4.74 4.96
CA TYR A 113 -6.27 4.59 3.74
C TYR A 113 -7.04 5.21 2.59
N THR A 114 -6.46 6.24 1.97
CA THR A 114 -7.17 7.00 0.94
C THR A 114 -6.77 6.64 -0.50
N ALA A 115 -5.70 5.89 -0.65
CA ALA A 115 -5.25 5.47 -1.97
C ALA A 115 -4.50 4.17 -1.81
N VAL A 116 -4.51 3.32 -2.84
CA VAL A 116 -3.89 2.01 -2.70
C VAL A 116 -3.11 1.65 -3.96
N ALA A 117 -1.96 1.01 -3.77
CA ALA A 117 -1.20 0.43 -4.86
C ALA A 117 -1.55 -1.05 -4.92
N GLU A 118 -2.29 -1.43 -5.96
CA GLU A 118 -2.74 -2.81 -6.11
C GLU A 118 -1.72 -3.60 -6.93
N PHE A 119 -1.01 -4.50 -6.25
CA PHE A 119 0.09 -5.29 -6.80
C PHE A 119 -0.60 -6.53 -7.37
N HIS A 120 -0.96 -6.42 -8.65
CA HIS A 120 -2.00 -7.25 -9.24
C HIS A 120 -1.42 -8.32 -10.18
N TYR A 121 -1.47 -9.58 -9.76
CA TYR A 121 -0.88 -10.66 -10.55
C TYR A 121 -1.87 -11.73 -10.98
N VAL A 122 -3.14 -11.57 -10.61
CA VAL A 122 -4.15 -12.52 -11.09
C VAL A 122 -4.66 -12.02 -12.44
N HIS A 123 -4.12 -12.59 -13.51
CA HIS A 123 -4.38 -12.07 -14.85
C HIS A 123 -5.35 -12.91 -15.67
N HIS A 124 -5.14 -14.22 -15.68
CA HIS A 124 -5.77 -15.08 -16.67
C HIS A 124 -6.93 -15.89 -16.12
N ASP A 125 -7.58 -16.65 -16.98
CA ASP A 125 -8.75 -17.44 -16.58
C ASP A 125 -8.39 -18.67 -15.75
N LEU A 126 -9.38 -19.46 -15.36
CA LEU A 126 -9.10 -20.56 -14.43
C LEU A 126 -8.18 -21.62 -15.04
N ASP A 127 -8.15 -21.67 -16.37
CA ASP A 127 -7.29 -22.60 -17.09
C ASP A 127 -5.91 -22.00 -17.39
N GLY A 128 -5.67 -20.78 -16.95
CA GLY A 128 -4.42 -20.10 -17.26
C GLY A 128 -4.37 -19.54 -18.66
N ARG A 129 -5.53 -19.43 -19.30
CA ARG A 129 -5.60 -18.83 -20.63
C ARG A 129 -6.10 -17.39 -20.57
N SER A 130 -5.60 -16.55 -21.47
CA SER A 130 -5.95 -15.15 -21.41
C SER A 130 -7.42 -14.91 -21.79
N TYR A 131 -8.05 -13.98 -21.09
CA TYR A 131 -9.40 -13.56 -21.46
C TYR A 131 -9.37 -12.88 -22.81
N ALA A 132 -10.54 -12.73 -23.43
CA ALA A 132 -10.59 -12.18 -24.78
C ALA A 132 -9.93 -10.80 -24.84
N ASP A 133 -10.18 -9.98 -23.83
CA ASP A 133 -9.33 -8.83 -23.57
C ASP A 133 -8.48 -9.22 -22.36
N PRO A 134 -7.17 -9.40 -22.57
CA PRO A 134 -6.32 -9.86 -21.46
C PRO A 134 -6.37 -8.95 -20.24
N ALA A 135 -6.86 -7.73 -20.37
CA ALA A 135 -6.93 -6.83 -19.23
C ALA A 135 -8.18 -7.02 -18.35
N GLU A 136 -9.00 -8.01 -18.69
CA GLU A 136 -10.25 -8.30 -17.96
C GLU A 136 -10.20 -8.03 -16.46
N LEU A 137 -9.27 -8.68 -15.76
CA LEU A 137 -9.25 -8.58 -14.29
C LEU A 137 -8.65 -7.25 -13.80
N SER A 138 -7.71 -6.68 -14.56
CA SER A 138 -7.14 -5.39 -14.20
C SER A 138 -8.21 -4.32 -14.26
N LEU A 139 -9.04 -4.39 -15.30
CA LEU A 139 -10.12 -3.43 -15.47
C LEU A 139 -11.15 -3.54 -14.35
N ARG A 140 -11.38 -4.76 -13.85
CA ARG A 140 -12.29 -4.93 -12.72
C ARG A 140 -11.74 -4.34 -11.42
N ILE A 141 -10.44 -4.44 -11.21
CA ILE A 141 -9.81 -3.78 -10.06
C ILE A 141 -10.07 -2.27 -10.13
N SER A 142 -9.89 -1.67 -11.30
CA SER A 142 -10.13 -0.23 -11.47
C SER A 142 -11.60 0.10 -11.23
N ARG A 143 -12.51 -0.72 -11.75
CA ARG A 143 -13.94 -0.49 -11.54
C ARG A 143 -14.28 -0.56 -10.06
N ALA A 144 -13.69 -1.53 -9.36
CA ALA A 144 -13.94 -1.66 -7.92
C ALA A 144 -13.41 -0.46 -7.15
N ALA A 145 -12.25 0.03 -7.53
CA ALA A 145 -11.68 1.20 -6.84
C ALA A 145 -12.57 2.42 -7.04
N SER A 146 -13.06 2.62 -8.26
CA SER A 146 -13.97 3.73 -8.53
C SER A 146 -15.26 3.60 -7.74
N ALA A 147 -15.77 2.38 -7.62
CA ALA A 147 -17.00 2.17 -6.86
C ALA A 147 -16.82 2.49 -5.38
N ALA A 148 -15.68 2.11 -4.80
CA ALA A 148 -15.40 2.43 -3.41
C ALA A 148 -15.06 3.91 -3.26
N GLY A 149 -14.40 4.48 -4.27
CA GLY A 149 -13.98 5.87 -4.21
C GLY A 149 -12.55 6.06 -3.72
N ILE A 150 -11.77 4.99 -3.72
CA ILE A 150 -10.38 5.03 -3.24
C ILE A 150 -9.43 5.37 -4.39
N GLY A 151 -8.35 6.10 -4.08
CA GLY A 151 -7.32 6.33 -5.09
C GLY A 151 -6.66 5.01 -5.45
N LEU A 152 -6.16 4.89 -6.68
CA LEU A 152 -5.60 3.63 -7.13
C LEU A 152 -4.39 3.83 -8.02
N THR A 153 -3.29 3.20 -7.66
CA THR A 153 -2.22 2.93 -8.62
C THR A 153 -2.27 1.44 -8.90
N LEU A 154 -2.60 1.08 -10.13
CA LEU A 154 -2.64 -0.34 -10.49
C LEU A 154 -1.26 -0.76 -10.95
N LEU A 155 -0.75 -1.84 -10.36
CA LEU A 155 0.55 -2.37 -10.71
C LEU A 155 0.34 -3.76 -11.31
N PRO A 156 0.06 -3.84 -12.62
CA PRO A 156 0.01 -5.20 -13.17
C PRO A 156 1.39 -5.83 -13.00
N VAL A 157 1.41 -7.11 -12.65
CA VAL A 157 2.64 -7.76 -12.24
C VAL A 157 3.20 -8.69 -13.32
N LEU A 158 4.48 -8.52 -13.64
CA LEU A 158 5.17 -9.51 -14.48
C LEU A 158 5.56 -10.70 -13.61
N TYR A 159 5.09 -11.87 -14.03
CA TYR A 159 5.31 -13.11 -13.28
C TYR A 159 5.51 -14.17 -14.35
N SER A 160 6.66 -14.82 -14.36
CA SER A 160 6.98 -15.75 -15.45
C SER A 160 7.55 -17.10 -15.04
N HIS A 161 8.04 -17.19 -13.80
CA HIS A 161 8.82 -18.35 -13.39
C HIS A 161 8.58 -18.76 -11.95
N ALA A 162 8.92 -20.01 -11.64
CA ALA A 162 8.66 -20.56 -10.31
C ALA A 162 9.84 -20.39 -9.36
N GLY A 163 10.97 -19.90 -9.87
CA GLY A 163 12.14 -19.73 -9.04
C GLY A 163 13.36 -19.20 -9.76
N PHE A 164 14.40 -18.88 -8.99
CA PHE A 164 15.67 -18.39 -9.53
C PHE A 164 16.20 -19.25 -10.67
N GLY A 165 16.75 -18.60 -11.68
CA GLY A 165 17.27 -19.30 -12.84
C GLY A 165 16.22 -19.57 -13.89
N GLY A 166 15.07 -18.92 -13.77
CA GLY A 166 14.00 -19.07 -14.74
C GLY A 166 13.38 -20.44 -14.75
N GLN A 167 13.11 -20.97 -13.55
CA GLN A 167 12.44 -22.26 -13.43
C GLN A 167 11.03 -22.18 -14.01
N PRO A 168 10.55 -23.28 -14.60
CA PRO A 168 9.22 -23.22 -15.22
C PRO A 168 8.12 -22.97 -14.19
N ALA A 169 7.19 -22.10 -14.55
CA ALA A 169 6.06 -21.80 -13.68
C ALA A 169 5.27 -23.05 -13.31
N SER A 170 4.83 -23.10 -12.06
N SER A 170 4.83 -23.12 -12.06
CA SER A 170 4.00 -24.18 -11.55
CA SER A 170 4.03 -24.25 -11.63
C SER A 170 2.57 -24.04 -12.05
C SER A 170 2.60 -24.06 -12.08
N GLU A 171 1.83 -25.15 -12.10
CA GLU A 171 0.41 -25.09 -12.43
C GLU A 171 -0.36 -24.15 -11.50
N GLY A 172 0.04 -24.09 -10.24
CA GLY A 172 -0.62 -23.20 -9.29
C GLY A 172 -0.42 -21.71 -9.58
N GLN A 173 0.56 -21.41 -10.44
CA GLN A 173 0.87 -20.03 -10.82
C GLN A 173 0.30 -19.68 -12.19
N ARG A 174 -0.45 -20.58 -12.80
CA ARG A 174 -0.85 -20.42 -14.20
C ARG A 174 -1.61 -19.13 -14.48
N ARG A 175 -2.37 -18.65 -13.50
CA ARG A 175 -3.15 -17.44 -13.74
C ARG A 175 -2.30 -16.18 -13.75
N PHE A 176 -1.03 -16.31 -13.36
CA PHE A 176 -0.19 -15.13 -13.16
C PHE A 176 0.70 -14.84 -14.37
N ILE A 177 0.81 -15.82 -15.28
CA ILE A 177 1.96 -15.88 -16.18
C ILE A 177 1.83 -15.04 -17.44
N ASN A 178 2.84 -14.20 -17.67
CA ASN A 178 3.03 -13.53 -18.96
C ASN A 178 4.51 -13.48 -19.27
N GLY A 179 4.84 -13.51 -20.56
CA GLY A 179 6.17 -13.15 -21.00
C GLY A 179 6.30 -11.65 -21.04
N SER A 180 7.51 -11.16 -21.27
N SER A 180 7.50 -11.15 -21.26
CA SER A 180 7.78 -9.72 -21.27
CA SER A 180 7.74 -9.70 -21.24
C SER A 180 6.95 -8.98 -22.32
C SER A 180 6.93 -8.97 -22.32
N GLU A 181 6.82 -9.58 -23.50
CA GLU A 181 6.09 -8.95 -24.60
C GLU A 181 4.60 -8.78 -24.28
N ALA A 182 3.97 -9.85 -23.81
CA ALA A 182 2.55 -9.79 -23.43
C ALA A 182 2.34 -8.83 -22.28
N TYR A 183 3.27 -8.83 -21.33
CA TYR A 183 3.19 -7.92 -20.20
C TYR A 183 3.25 -6.46 -20.63
N LEU A 184 4.20 -6.14 -21.51
CA LEU A 184 4.35 -4.77 -21.99
C LEU A 184 3.12 -4.33 -22.79
N GLU A 185 2.52 -5.26 -23.51
CA GLU A 185 1.29 -4.97 -24.24
C GLU A 185 0.16 -4.66 -23.26
N LEU A 186 0.04 -5.46 -22.21
CA LEU A 186 -0.97 -5.24 -21.17
C LEU A 186 -0.78 -3.88 -20.51
N LEU A 187 0.46 -3.60 -20.15
CA LEU A 187 0.78 -2.35 -19.48
C LEU A 187 0.37 -1.16 -20.34
N GLN A 188 0.75 -1.19 -21.61
CA GLN A 188 0.42 -0.07 -22.49
C GLN A 188 -1.10 0.05 -22.71
N ARG A 189 -1.79 -1.09 -22.85
CA ARG A 189 -3.24 -1.12 -23.06
C ARG A 189 -4.01 -0.57 -21.85
N LEU A 190 -3.42 -0.66 -20.67
CA LEU A 190 -4.09 -0.18 -19.46
C LEU A 190 -4.02 1.34 -19.28
N ARG A 191 -3.12 1.99 -20.01
CA ARG A 191 -2.92 3.42 -19.78
C ARG A 191 -4.21 4.22 -19.98
N ALA A 192 -4.88 4.00 -21.10
CA ALA A 192 -6.08 4.77 -21.42
C ALA A 192 -7.23 4.58 -20.41
N PRO A 193 -7.62 3.31 -20.12
CA PRO A 193 -8.73 3.18 -19.16
C PRO A 193 -8.38 3.67 -17.76
N LEU A 194 -7.14 3.48 -17.33
CA LEU A 194 -6.76 3.97 -16.02
C LEU A 194 -6.80 5.51 -15.98
N GLU A 195 -6.25 6.13 -17.02
CA GLU A 195 -6.27 7.58 -17.12
C GLU A 195 -7.72 8.10 -17.09
N ALA A 196 -8.61 7.40 -17.80
CA ALA A 196 -10.01 7.83 -17.87
C ALA A 196 -10.67 7.82 -16.49
N ALA A 197 -10.24 6.90 -15.63
CA ALA A 197 -10.81 6.76 -14.30
C ALA A 197 -10.12 7.63 -13.27
N GLY A 198 -9.08 8.34 -13.69
CA GLY A 198 -8.31 9.15 -12.77
C GLY A 198 -7.34 8.32 -11.94
N HIS A 199 -7.11 7.09 -12.39
CA HIS A 199 -6.21 6.18 -11.70
C HIS A 199 -4.81 6.21 -12.30
N SER A 200 -3.86 5.66 -11.55
CA SER A 200 -2.47 5.66 -11.97
C SER A 200 -1.98 4.25 -12.26
N LEU A 201 -0.79 4.16 -12.86
CA LEU A 201 -0.21 2.90 -13.28
C LEU A 201 1.23 2.80 -12.77
N GLY A 202 1.71 1.57 -12.54
CA GLY A 202 3.12 1.34 -12.29
C GLY A 202 3.60 0.04 -12.92
N LEU A 203 4.91 -0.05 -13.18
CA LEU A 203 5.59 -1.27 -13.59
C LEU A 203 5.80 -2.14 -12.36
N CYS A 204 5.80 -3.45 -12.53
CA CYS A 204 5.96 -4.32 -11.37
C CYS A 204 6.50 -5.70 -11.76
N PHE A 205 7.55 -6.13 -11.06
CA PHE A 205 8.07 -7.49 -11.14
C PHE A 205 7.65 -8.19 -9.87
N HIS A 206 7.15 -9.42 -9.97
CA HIS A 206 6.68 -10.06 -8.74
C HIS A 206 7.78 -10.18 -7.69
N SER A 207 8.93 -10.66 -8.13
CA SER A 207 10.07 -10.93 -7.25
C SER A 207 11.21 -11.38 -8.15
N LEU A 208 12.42 -11.47 -7.59
CA LEU A 208 13.56 -11.97 -8.36
C LEU A 208 13.43 -13.48 -8.60
N ARG A 209 12.55 -14.14 -7.86
CA ARG A 209 12.28 -15.55 -8.08
C ARG A 209 11.44 -15.75 -9.34
N ALA A 210 10.55 -14.81 -9.61
CA ALA A 210 9.49 -15.00 -10.59
C ALA A 210 9.82 -14.44 -11.97
N VAL A 211 10.90 -13.68 -12.08
CA VAL A 211 11.32 -13.12 -13.37
C VAL A 211 12.81 -13.31 -13.54
N THR A 212 13.31 -13.11 -14.76
CA THR A 212 14.74 -13.25 -15.03
C THR A 212 15.39 -11.88 -15.16
N PRO A 213 16.73 -11.82 -14.98
CA PRO A 213 17.45 -10.56 -15.20
C PRO A 213 17.20 -10.00 -16.60
N GLN A 214 17.13 -10.84 -17.62
CA GLN A 214 16.87 -10.36 -18.97
C GLN A 214 15.50 -9.70 -19.06
N GLN A 215 14.50 -10.29 -18.41
CA GLN A 215 13.17 -9.69 -18.40
C GLN A 215 13.15 -8.32 -17.74
N ILE A 216 13.87 -8.19 -16.63
CA ILE A 216 13.95 -6.91 -15.93
C ILE A 216 14.55 -5.85 -16.85
N ALA A 217 15.67 -6.20 -17.49
CA ALA A 217 16.33 -5.30 -18.44
C ALA A 217 15.39 -4.90 -19.57
N THR A 218 14.72 -5.88 -20.16
CA THR A 218 13.80 -5.63 -21.28
C THR A 218 12.69 -4.67 -20.89
N VAL A 219 12.05 -4.94 -19.76
CA VAL A 219 10.95 -4.11 -19.32
C VAL A 219 11.40 -2.69 -18.98
N LEU A 220 12.54 -2.56 -18.33
CA LEU A 220 13.00 -1.24 -17.90
C LEU A 220 13.49 -0.41 -19.09
N ALA A 221 13.83 -1.09 -20.18
CA ALA A 221 14.29 -0.41 -21.38
C ALA A 221 13.16 -0.06 -22.34
N ALA A 222 11.93 -0.40 -21.94
CA ALA A 222 10.77 -0.29 -22.84
C ALA A 222 10.20 1.12 -22.97
N GLY A 223 10.70 2.06 -22.18
CA GLY A 223 10.30 3.45 -22.32
C GLY A 223 9.22 3.97 -21.38
N HIS A 224 8.78 3.14 -20.44
CA HIS A 224 7.77 3.57 -19.47
C HIS A 224 8.43 4.27 -18.29
N ASP A 225 9.19 5.32 -18.59
CA ASP A 225 10.03 6.00 -17.61
C ASP A 225 9.25 6.87 -16.63
N ASP A 226 7.96 7.04 -16.90
CA ASP A 226 7.10 7.86 -16.04
C ASP A 226 6.46 7.07 -14.91
N LEU A 227 6.73 5.77 -14.87
CA LEU A 227 6.02 4.89 -13.95
C LEU A 227 6.85 4.46 -12.74
N PRO A 228 6.22 4.36 -11.56
CA PRO A 228 6.82 3.71 -10.40
C PRO A 228 7.22 2.27 -10.76
N VAL A 229 8.16 1.69 -10.01
CA VAL A 229 8.56 0.30 -10.23
C VAL A 229 8.54 -0.42 -8.90
N HIS A 230 7.70 -1.44 -8.77
CA HIS A 230 7.59 -2.21 -7.53
C HIS A 230 8.08 -3.65 -7.67
N ILE A 231 8.56 -4.21 -6.57
CA ILE A 231 9.04 -5.60 -6.55
C ILE A 231 9.02 -6.10 -5.10
N HIS A 232 8.62 -7.36 -4.89
CA HIS A 232 8.81 -7.99 -3.58
C HIS A 232 10.28 -8.37 -3.50
N ILE A 233 10.96 -8.05 -2.40
CA ILE A 233 12.37 -8.45 -2.30
C ILE A 233 12.83 -8.72 -0.87
N ALA A 234 13.59 -9.80 -0.71
CA ALA A 234 14.25 -10.15 0.55
C ALA A 234 13.29 -10.37 1.72
N GLU A 235 12.06 -10.78 1.41
CA GLU A 235 11.06 -10.98 2.46
C GLU A 235 11.40 -12.12 3.41
N GLN A 236 11.79 -13.26 2.85
CA GLN A 236 12.09 -14.47 3.62
C GLN A 236 13.56 -14.86 3.54
N GLN A 237 14.08 -15.40 4.63
CA GLN A 237 15.45 -15.88 4.68
C GLN A 237 15.74 -16.89 3.58
N LYS A 238 14.76 -17.72 3.26
CA LYS A 238 14.90 -18.70 2.19
C LYS A 238 15.22 -18.06 0.84
N GLU A 239 14.59 -16.93 0.54
CA GLU A 239 14.89 -16.23 -0.71
C GLU A 239 16.32 -15.73 -0.73
N VAL A 240 16.80 -15.26 0.42
CA VAL A 240 18.19 -14.85 0.57
C VAL A 240 19.14 -16.00 0.28
N ASP A 241 18.90 -17.15 0.92
CA ASP A 241 19.76 -18.32 0.71
C ASP A 241 19.72 -18.80 -0.74
N ASP A 242 18.52 -18.84 -1.31
CA ASP A 242 18.36 -19.30 -2.69
C ASP A 242 19.00 -18.34 -3.69
N CYS A 243 18.89 -17.04 -3.42
CA CYS A 243 19.50 -16.04 -4.27
C CYS A 243 21.02 -16.20 -4.26
N GLN A 244 21.58 -16.47 -3.08
CA GLN A 244 23.03 -16.65 -2.98
C GLN A 244 23.50 -17.91 -3.69
N ALA A 245 22.70 -18.97 -3.64
CA ALA A 245 23.04 -20.21 -4.35
C ALA A 245 22.99 -20.00 -5.86
N TRP A 246 22.10 -19.13 -6.30
CA TRP A 246 21.90 -18.84 -7.71
C TRP A 246 22.95 -17.88 -8.28
N SER A 247 23.29 -16.84 -7.53
CA SER A 247 24.09 -15.74 -8.06
C SER A 247 25.32 -15.40 -7.23
N GLY A 248 25.41 -15.96 -6.03
CA GLY A 248 26.48 -15.59 -5.12
C GLY A 248 26.23 -14.24 -4.46
N ARG A 249 25.02 -13.72 -4.62
CA ARG A 249 24.64 -12.43 -4.04
C ARG A 249 23.36 -12.56 -3.23
N ARG A 250 23.19 -11.70 -2.24
CA ARG A 250 21.92 -11.54 -1.55
C ARG A 250 20.95 -10.82 -2.49
N PRO A 251 19.63 -10.92 -2.23
CA PRO A 251 18.65 -10.31 -3.14
C PRO A 251 18.81 -8.79 -3.35
N LEU A 252 18.82 -8.01 -2.28
CA LEU A 252 19.01 -6.57 -2.43
C LEU A 252 20.36 -6.23 -3.06
N GLN A 253 21.41 -6.91 -2.60
CA GLN A 253 22.73 -6.76 -3.16
C GLN A 253 22.69 -6.98 -4.67
N TRP A 254 22.05 -8.07 -5.09
CA TRP A 254 21.95 -8.38 -6.51
C TRP A 254 21.24 -7.28 -7.28
N LEU A 255 20.10 -6.85 -6.77
CA LEU A 255 19.30 -5.84 -7.46
C LEU A 255 20.10 -4.55 -7.64
N TYR A 256 20.77 -4.10 -6.58
CA TYR A 256 21.55 -2.87 -6.65
C TYR A 256 22.79 -2.97 -7.53
N GLU A 257 23.33 -4.18 -7.70
CA GLU A 257 24.49 -4.37 -8.53
C GLU A 257 24.14 -4.52 -10.02
N ASN A 258 22.88 -4.83 -10.32
CA ASN A 258 22.49 -5.14 -11.69
C ASN A 258 21.47 -4.18 -12.30
N VAL A 259 20.83 -3.38 -11.46
CA VAL A 259 19.75 -2.50 -11.88
C VAL A 259 19.94 -1.12 -11.27
N ALA A 260 19.64 -0.07 -12.04
CA ALA A 260 19.77 1.30 -11.54
C ALA A 260 18.58 1.68 -10.68
N VAL A 261 18.52 1.13 -9.47
CA VAL A 261 17.44 1.43 -8.54
C VAL A 261 17.48 2.89 -8.12
N ASP A 262 16.33 3.55 -8.14
CA ASP A 262 16.25 4.96 -7.78
C ASP A 262 14.92 5.30 -7.12
N GLN A 263 14.58 6.58 -7.11
CA GLN A 263 13.37 7.04 -6.41
C GLN A 263 12.06 6.49 -6.97
N ARG A 264 12.08 5.97 -8.19
CA ARG A 264 10.87 5.39 -8.78
C ARG A 264 10.50 4.09 -8.12
N TRP A 265 11.45 3.48 -7.42
CA TRP A 265 11.26 2.11 -6.93
C TRP A 265 10.62 1.99 -5.55
N CYS A 266 9.79 0.97 -5.41
CA CYS A 266 9.30 0.58 -4.11
C CYS A 266 9.73 -0.86 -3.90
N LEU A 267 10.56 -1.07 -2.89
CA LEU A 267 11.10 -2.37 -2.56
C LEU A 267 10.23 -2.94 -1.46
N VAL A 268 9.32 -3.85 -1.82
CA VAL A 268 8.34 -4.35 -0.86
C VAL A 268 8.98 -5.37 0.09
N HIS A 269 8.72 -5.17 1.39
CA HIS A 269 9.33 -5.92 2.50
C HIS A 269 10.77 -5.52 2.75
N ALA A 270 11.68 -5.94 1.87
CA ALA A 270 13.11 -5.66 2.01
C ALA A 270 13.63 -6.08 3.37
N THR A 271 13.01 -7.11 3.94
CA THR A 271 13.15 -7.41 5.36
C THR A 271 14.57 -7.81 5.72
N HIS A 272 15.16 -8.65 4.89
CA HIS A 272 16.49 -9.17 5.18
C HIS A 272 17.54 -8.36 4.46
N ALA A 273 17.77 -7.17 5.00
CA ALA A 273 18.70 -6.21 4.42
C ALA A 273 19.85 -6.08 5.40
N ASP A 274 21.06 -6.41 4.94
CA ASP A 274 22.24 -6.27 5.79
C ASP A 274 22.66 -4.81 5.84
N PRO A 275 23.64 -4.45 6.68
CA PRO A 275 24.00 -3.02 6.77
C PRO A 275 24.36 -2.37 5.44
N ALA A 276 25.14 -3.03 4.60
CA ALA A 276 25.47 -2.51 3.27
C ALA A 276 24.22 -2.33 2.40
N GLU A 277 23.30 -3.28 2.47
CA GLU A 277 22.07 -3.20 1.70
C GLU A 277 21.19 -2.04 2.17
N VAL A 278 21.11 -1.84 3.48
CA VAL A 278 20.34 -0.74 4.05
C VAL A 278 20.90 0.60 3.57
N ALA A 279 22.22 0.72 3.63
CA ALA A 279 22.88 1.95 3.18
C ALA A 279 22.59 2.24 1.73
N ALA A 280 22.65 1.20 0.90
CA ALA A 280 22.40 1.34 -0.54
C ALA A 280 20.96 1.77 -0.80
N MET A 281 20.02 1.20 -0.05
CA MET A 281 18.61 1.58 -0.17
C MET A 281 18.44 3.07 0.12
N ALA A 282 18.95 3.51 1.27
CA ALA A 282 18.81 4.90 1.67
C ALA A 282 19.46 5.87 0.68
N ARG A 283 20.65 5.52 0.19
CA ARG A 283 21.32 6.36 -0.79
C ARG A 283 20.50 6.52 -2.07
N SER A 284 19.78 5.46 -2.45
CA SER A 284 19.08 5.44 -3.73
C SER A 284 17.78 6.25 -3.73
N GLY A 285 17.22 6.45 -2.55
CA GLY A 285 15.95 7.15 -2.45
C GLY A 285 14.74 6.28 -2.76
N ALA A 286 14.96 4.98 -2.96
CA ALA A 286 13.84 4.05 -3.12
C ALA A 286 13.01 3.96 -1.83
N VAL A 287 11.76 3.54 -1.97
CA VAL A 287 10.88 3.46 -0.81
C VAL A 287 10.78 2.02 -0.34
N ALA A 288 11.05 1.80 0.95
CA ALA A 288 10.82 0.49 1.54
C ALA A 288 9.32 0.33 1.82
N GLY A 289 8.72 -0.68 1.21
CA GLY A 289 7.30 -0.93 1.39
C GLY A 289 7.05 -1.92 2.53
N LEU A 290 6.86 -1.38 3.73
CA LEU A 290 6.79 -2.21 4.93
C LEU A 290 5.36 -2.62 5.21
N CYS A 291 5.17 -3.93 5.35
CA CYS A 291 3.83 -4.47 5.54
C CYS A 291 3.85 -5.22 6.86
N LEU A 292 3.69 -4.47 7.96
CA LEU A 292 4.05 -4.98 9.26
C LEU A 292 3.17 -6.11 9.76
N SER A 293 1.86 -5.95 9.59
CA SER A 293 0.95 -6.99 10.07
C SER A 293 1.10 -8.28 9.24
N THR A 294 1.24 -8.13 7.92
CA THR A 294 1.46 -9.33 7.10
C THR A 294 2.81 -9.97 7.37
N GLU A 295 3.86 -9.17 7.49
CA GLU A 295 5.19 -9.71 7.77
C GLU A 295 5.21 -10.46 9.09
N ALA A 296 4.47 -9.97 10.08
CA ALA A 296 4.39 -10.68 11.34
C ALA A 296 3.56 -11.96 11.19
N ASN A 297 2.43 -11.85 10.51
CA ASN A 297 1.56 -12.99 10.27
C ASN A 297 2.28 -14.11 9.52
N LEU A 298 3.14 -13.72 8.59
CA LEU A 298 3.86 -14.71 7.79
C LEU A 298 5.21 -15.13 8.40
N GLY A 299 5.58 -14.52 9.52
CA GLY A 299 6.84 -14.86 10.16
C GLY A 299 8.04 -14.50 9.30
N ASP A 300 8.01 -13.30 8.71
CA ASP A 300 9.11 -12.90 7.83
C ASP A 300 10.32 -12.45 8.64
N GLY A 301 10.07 -11.58 9.62
CA GLY A 301 11.13 -10.97 10.39
C GLY A 301 10.91 -9.49 10.53
N ILE A 302 11.90 -8.81 11.14
CA ILE A 302 11.82 -7.40 11.49
C ILE A 302 12.83 -6.62 10.65
N PHE A 303 12.33 -5.59 9.96
CA PHE A 303 13.16 -4.73 9.12
C PHE A 303 14.06 -3.87 9.99
N PRO A 304 15.30 -3.60 9.55
CA PRO A 304 16.19 -2.67 10.27
C PRO A 304 15.78 -1.21 10.05
N ALA A 305 14.58 -0.86 10.53
CA ALA A 305 14.00 0.45 10.25
C ALA A 305 14.77 1.60 10.89
N THR A 306 15.29 1.40 12.10
CA THR A 306 16.05 2.45 12.76
C THR A 306 17.30 2.82 11.99
N ASP A 307 18.06 1.82 11.56
CA ASP A 307 19.29 2.07 10.81
C ASP A 307 18.97 2.75 9.50
N PHE A 308 17.90 2.30 8.86
CA PHE A 308 17.44 2.81 7.58
C PHE A 308 17.01 4.26 7.70
N LEU A 309 16.13 4.54 8.66
CA LEU A 309 15.66 5.91 8.87
C LEU A 309 16.81 6.85 9.20
N ALA A 310 17.78 6.38 9.97
CA ALA A 310 18.92 7.21 10.38
C ALA A 310 19.76 7.69 9.20
N GLN A 311 19.73 6.93 8.12
CA GLN A 311 20.49 7.27 6.93
C GLN A 311 19.65 7.94 5.85
N GLY A 312 18.47 8.41 6.25
CA GLY A 312 17.61 9.14 5.34
C GLY A 312 16.70 8.25 4.51
N GLY A 313 16.50 7.02 4.98
CA GLY A 313 15.65 6.08 4.27
C GLY A 313 14.20 6.56 4.18
N ARG A 314 13.55 6.16 3.08
CA ARG A 314 12.14 6.47 2.86
C ARG A 314 11.32 5.20 2.95
N LEU A 315 10.17 5.28 3.60
CA LEU A 315 9.31 4.11 3.78
C LEU A 315 7.84 4.45 3.68
N GLY A 316 7.03 3.43 3.45
CA GLY A 316 5.59 3.56 3.59
C GLY A 316 5.03 2.24 4.07
N ILE A 317 3.72 2.19 4.25
CA ILE A 317 3.08 0.99 4.78
C ILE A 317 2.08 0.41 3.79
N GLY A 318 2.00 -0.92 3.80
CA GLY A 318 1.03 -1.62 2.95
C GLY A 318 0.33 -2.69 3.75
N SER A 319 -0.94 -2.96 3.41
CA SER A 319 -1.70 -3.97 4.13
C SER A 319 -1.56 -5.39 3.54
N ASP A 320 -1.09 -5.47 2.29
CA ASP A 320 -0.58 -6.71 1.69
C ASP A 320 -1.58 -7.86 1.62
N SER A 321 -1.51 -8.80 2.57
CA SER A 321 -2.45 -9.94 2.61
C SER A 321 -3.78 -9.56 3.26
N HIS A 322 -3.80 -8.36 3.85
CA HIS A 322 -5.02 -7.79 4.42
C HIS A 322 -5.55 -8.56 5.61
N VAL A 323 -4.68 -9.18 6.39
CA VAL A 323 -5.14 -9.68 7.69
C VAL A 323 -5.47 -8.48 8.59
N SER A 324 -4.78 -7.36 8.39
CA SER A 324 -5.10 -6.10 9.07
C SER A 324 -5.36 -4.98 8.07
N LEU A 325 -6.36 -4.16 8.39
CA LEU A 325 -6.68 -2.97 7.60
C LEU A 325 -6.73 -1.82 8.58
N SER A 326 -5.54 -1.33 8.92
CA SER A 326 -5.45 -0.38 10.03
C SER A 326 -4.16 0.41 9.93
N VAL A 327 -4.27 1.70 9.68
CA VAL A 327 -3.11 2.59 9.68
C VAL A 327 -2.47 2.55 11.05
N VAL A 328 -3.30 2.60 12.09
CA VAL A 328 -2.82 2.50 13.47
C VAL A 328 -1.96 1.26 13.70
N GLU A 329 -2.47 0.09 13.33
CA GLU A 329 -1.74 -1.14 13.63
C GLU A 329 -0.39 -1.19 12.92
N GLU A 330 -0.37 -0.77 11.66
CA GLU A 330 0.89 -0.81 10.91
C GLU A 330 1.95 0.11 11.50
N LEU A 331 1.57 1.36 11.79
CA LEU A 331 2.57 2.29 12.30
C LEU A 331 2.97 1.92 13.73
N ARG A 332 1.98 1.53 14.54
CA ARG A 332 2.25 1.15 15.91
C ARG A 332 3.24 -0.02 15.98
N TRP A 333 2.96 -1.06 15.20
CA TRP A 333 3.78 -2.26 15.29
C TRP A 333 5.08 -2.16 14.47
N LEU A 334 5.14 -1.22 13.51
CA LEU A 334 6.43 -0.84 12.95
C LEU A 334 7.37 -0.40 14.08
N GLU A 335 6.91 0.55 14.89
CA GLU A 335 7.68 1.00 16.05
C GLU A 335 7.88 -0.10 17.09
N TYR A 336 6.80 -0.81 17.45
CA TYR A 336 6.92 -1.82 18.49
C TYR A 336 7.87 -2.96 18.14
N GLY A 337 7.91 -3.36 16.86
CA GLY A 337 8.88 -4.36 16.44
C GLY A 337 10.31 -3.93 16.69
N GLN A 338 10.61 -2.66 16.43
CA GLN A 338 11.93 -2.12 16.74
C GLN A 338 12.20 -2.15 18.24
N ARG A 339 11.19 -1.83 19.04
CA ARG A 339 11.31 -1.87 20.49
C ARG A 339 11.57 -3.27 21.03
N LEU A 340 10.88 -4.25 20.47
CA LEU A 340 11.05 -5.64 20.93
C LEU A 340 12.44 -6.16 20.56
N ARG A 341 12.90 -5.79 19.37
CA ARG A 341 14.24 -6.19 18.94
C ARG A 341 15.33 -5.55 19.80
N ASP A 342 15.24 -4.24 19.99
CA ASP A 342 16.29 -3.49 20.69
C ASP A 342 16.17 -3.55 22.21
N ARG A 343 14.99 -3.97 22.67
CA ARG A 343 14.62 -3.89 24.08
C ARG A 343 14.80 -2.47 24.63
N LYS A 344 14.33 -1.50 23.83
CA LYS A 344 14.40 -0.08 24.17
C LYS A 344 13.12 0.61 23.66
N ARG A 345 12.85 1.82 24.15
CA ARG A 345 11.68 2.57 23.69
C ARG A 345 12.07 3.65 22.69
N ASN A 346 11.06 4.26 22.07
CA ASN A 346 11.23 5.46 21.26
C ASN A 346 12.33 5.34 20.21
N ARG A 347 12.08 4.46 19.26
CA ARG A 347 13.09 4.03 18.30
C ARG A 347 13.10 4.86 17.02
N LEU A 348 11.92 5.11 16.47
CA LEU A 348 11.82 5.78 15.17
C LEU A 348 11.45 7.26 15.34
N TYR A 349 12.48 8.10 15.39
CA TYR A 349 12.30 9.54 15.50
C TYR A 349 13.32 10.21 14.58
N ARG A 350 13.20 11.52 14.41
CA ARG A 350 14.18 12.26 13.61
C ARG A 350 14.99 13.21 14.48
N ASP A 351 16.08 13.73 13.94
CA ASP A 351 16.89 14.72 14.66
C ASP A 351 16.09 15.98 14.97
N ASP A 352 15.13 16.28 14.12
CA ASP A 352 14.31 17.48 14.29
C ASP A 352 12.91 17.14 14.78
N GLN A 353 12.69 15.87 15.13
CA GLN A 353 11.35 15.43 15.52
C GLN A 353 11.40 14.27 16.51
N PRO A 354 11.35 14.58 17.81
CA PRO A 354 11.39 13.51 18.83
C PRO A 354 10.06 12.80 18.99
N MET A 355 8.98 13.35 18.44
CA MET A 355 7.67 12.73 18.57
C MET A 355 7.58 11.51 17.67
N ILE A 356 7.35 10.35 18.27
CA ILE A 356 7.34 9.09 17.51
C ILE A 356 6.16 8.99 16.54
N GLY A 357 4.94 9.27 17.00
CA GLY A 357 3.77 9.22 16.14
C GLY A 357 3.91 10.09 14.90
N ARG A 358 4.31 11.35 15.14
CA ARG A 358 4.52 12.27 14.03
C ARG A 358 5.61 11.81 13.07
N THR A 359 6.70 11.28 13.61
CA THR A 359 7.78 10.76 12.75
C THR A 359 7.23 9.67 11.83
N LEU A 360 6.46 8.76 12.40
CA LEU A 360 5.92 7.65 11.64
C LEU A 360 4.92 8.13 10.58
N TYR A 361 4.02 9.03 10.97
CA TYR A 361 3.01 9.52 10.04
C TYR A 361 3.66 10.31 8.91
N ASP A 362 4.57 11.22 9.25
CA ASP A 362 5.31 11.97 8.23
C ASP A 362 5.98 11.03 7.24
N ALA A 363 6.67 10.02 7.76
CA ALA A 363 7.45 9.11 6.93
C ALA A 363 6.55 8.36 5.97
N ALA A 364 5.50 7.74 6.50
CA ALA A 364 4.65 6.88 5.69
C ALA A 364 3.80 7.66 4.69
N LEU A 365 3.41 8.89 5.03
CA LEU A 365 2.74 9.74 4.05
C LEU A 365 3.64 9.98 2.85
N ALA A 366 4.88 10.37 3.11
CA ALA A 366 5.78 10.74 2.03
C ALA A 366 6.18 9.54 1.19
N GLY A 367 6.53 8.44 1.85
CA GLY A 367 6.94 7.23 1.15
C GLY A 367 5.79 6.64 0.36
N GLY A 368 4.60 6.70 0.95
CA GLY A 368 3.40 6.19 0.29
C GLY A 368 3.07 6.96 -0.97
N ALA A 369 3.10 8.29 -0.88
CA ALA A 369 2.83 9.13 -2.05
C ALA A 369 3.85 8.86 -3.15
N GLN A 370 5.12 8.77 -2.76
CA GLN A 370 6.20 8.50 -3.73
C GLN A 370 6.00 7.14 -4.40
N ALA A 371 5.73 6.10 -3.61
CA ALA A 371 5.58 4.75 -4.15
C ALA A 371 4.36 4.63 -5.09
N LEU A 372 3.30 5.37 -4.80
CA LEU A 372 2.12 5.34 -5.66
C LEU A 372 2.27 6.19 -6.91
N GLY A 373 3.20 7.14 -6.88
CA GLY A 373 3.33 8.07 -7.99
C GLY A 373 2.11 8.96 -8.14
N GLN A 374 1.53 9.37 -7.02
CA GLN A 374 0.33 10.21 -7.04
C GLN A 374 0.58 11.50 -6.27
N PRO A 375 -0.15 12.57 -6.61
CA PRO A 375 0.02 13.88 -5.97
C PRO A 375 -0.71 13.94 -4.64
N ILE A 376 -0.26 13.11 -3.71
CA ILE A 376 -0.94 12.95 -2.43
C ILE A 376 0.05 13.05 -1.27
N GLY A 377 -0.38 12.67 -0.08
CA GLY A 377 0.52 12.63 1.07
C GLY A 377 0.74 13.94 1.79
N SER A 378 0.09 15.00 1.33
N SER A 378 0.12 15.01 1.33
CA SER A 378 0.33 16.34 1.88
CA SER A 378 0.27 16.30 1.98
C SER A 378 -0.83 17.28 1.55
C SER A 378 -0.81 17.27 1.57
N LEU A 379 -1.26 18.06 2.54
CA LEU A 379 -2.32 19.05 2.31
C LEU A 379 -1.69 20.35 1.85
N ALA A 380 -1.37 20.37 0.57
CA ALA A 380 -0.74 21.52 -0.06
C ALA A 380 -1.48 21.84 -1.34
N VAL A 381 -1.51 23.12 -1.69
CA VAL A 381 -2.18 23.56 -2.92
C VAL A 381 -1.59 22.79 -4.12
N GLY A 382 -2.48 22.28 -4.97
CA GLY A 382 -2.05 21.50 -6.11
C GLY A 382 -2.08 20.00 -5.90
N ARG A 383 -2.11 19.58 -4.64
N ARG A 383 -2.10 19.58 -4.63
CA ARG A 383 -2.24 18.15 -4.35
CA ARG A 383 -2.24 18.17 -4.30
C ARG A 383 -3.71 17.78 -4.17
C ARG A 383 -3.72 17.79 -4.29
N ARG A 384 -4.00 16.50 -4.32
CA ARG A 384 -5.37 16.03 -4.31
C ARG A 384 -5.95 16.14 -2.89
N ALA A 385 -7.23 16.51 -2.79
CA ALA A 385 -7.89 16.61 -1.49
C ALA A 385 -8.26 15.23 -0.93
N ASP A 386 -7.25 14.57 -0.35
CA ASP A 386 -7.41 13.27 0.28
C ASP A 386 -7.12 13.49 1.76
N LEU A 387 -8.10 13.27 2.63
CA LEU A 387 -7.88 13.58 4.04
C LEU A 387 -8.75 12.76 4.94
N LEU A 388 -8.36 12.69 6.21
CA LEU A 388 -9.18 12.06 7.22
C LEU A 388 -9.48 13.03 8.33
N VAL A 389 -10.63 12.81 8.98
CA VAL A 389 -11.03 13.63 10.10
C VAL A 389 -11.18 12.71 11.30
N LEU A 390 -10.40 12.97 12.34
CA LEU A 390 -10.48 12.17 13.56
C LEU A 390 -11.66 12.63 14.41
N ASP A 391 -11.94 11.88 15.47
CA ASP A 391 -13.08 12.15 16.33
C ASP A 391 -12.80 13.29 17.30
N GLY A 392 -13.39 14.46 17.04
CA GLY A 392 -13.23 15.60 17.92
C GLY A 392 -13.93 15.47 19.26
N ASN A 393 -14.85 14.51 19.37
CA ASN A 393 -15.52 14.25 20.64
C ASN A 393 -14.83 13.21 21.53
N ASP A 394 -13.81 12.57 21.01
CA ASP A 394 -13.07 11.55 21.77
C ASP A 394 -12.26 12.28 22.85
N PRO A 395 -12.36 11.83 24.13
CA PRO A 395 -11.72 12.60 25.21
C PRO A 395 -10.20 12.63 25.11
N TYR A 396 -9.60 11.56 24.59
CA TYR A 396 -8.15 11.53 24.44
C TYR A 396 -7.69 12.53 23.41
N LEU A 397 -8.40 12.55 22.28
CA LEU A 397 -8.01 13.47 21.20
C LEU A 397 -8.39 14.91 21.55
N ALA A 398 -9.53 15.11 22.18
CA ALA A 398 -10.00 16.47 22.50
C ALA A 398 -9.07 17.14 23.50
N SER A 399 -8.39 16.35 24.33
CA SER A 399 -7.54 16.90 25.37
C SER A 399 -6.11 17.12 24.89
N ALA A 400 -5.81 16.70 23.68
CA ALA A 400 -4.46 16.71 23.15
C ALA A 400 -4.32 17.80 22.08
N GLU A 401 -3.11 18.29 21.89
CA GLU A 401 -2.87 19.24 20.82
C GLU A 401 -1.72 18.76 19.97
N GLY A 402 -1.74 19.10 18.69
CA GLY A 402 -0.63 18.84 17.81
C GLY A 402 -0.12 17.41 17.84
N ASP A 403 1.19 17.26 17.99
CA ASP A 403 1.80 15.94 17.83
C ASP A 403 1.39 14.97 18.94
N ALA A 404 1.01 15.50 20.10
CA ALA A 404 0.48 14.65 21.17
C ALA A 404 -0.78 13.95 20.70
N LEU A 405 -1.56 14.61 19.87
CA LEU A 405 -2.77 14.00 19.33
C LEU A 405 -2.42 12.76 18.50
N LEU A 406 -1.38 12.84 17.68
CA LEU A 406 -0.95 11.68 16.89
C LEU A 406 -0.44 10.55 17.77
N ASN A 407 0.21 10.88 18.87
CA ASN A 407 0.61 9.84 19.82
C ASN A 407 -0.59 9.19 20.47
N ARG A 408 -1.59 9.98 20.87
CA ARG A 408 -2.80 9.40 21.45
C ARG A 408 -3.50 8.44 20.48
N TRP A 409 -3.63 8.86 19.23
CA TRP A 409 -4.27 8.04 18.22
C TRP A 409 -3.44 6.78 17.93
N LEU A 410 -2.19 6.98 17.50
CA LEU A 410 -1.40 5.86 17.00
C LEU A 410 -0.93 4.88 18.06
N PHE A 411 -0.73 5.37 19.29
CA PHE A 411 -0.23 4.49 20.35
C PHE A 411 -1.23 4.17 21.45
N ALA A 412 -2.28 4.95 21.59
CA ALA A 412 -3.28 4.65 22.64
C ALA A 412 -4.69 4.49 22.12
N GLY A 413 -4.87 4.68 20.81
CA GLY A 413 -6.20 4.74 20.23
C GLY A 413 -6.44 3.64 19.23
N GLY A 414 -7.21 3.96 18.19
CA GLY A 414 -7.52 2.93 17.21
C GLY A 414 -8.30 3.41 16.01
N ASP A 415 -8.72 2.44 15.21
CA ASP A 415 -9.36 2.75 13.93
C ASP A 415 -10.65 3.53 14.07
N ARG A 416 -11.43 3.26 15.12
CA ARG A 416 -12.73 3.92 15.19
C ARG A 416 -12.62 5.41 15.52
N GLN A 417 -11.41 5.88 15.81
CA GLN A 417 -11.19 7.32 15.96
C GLN A 417 -11.16 8.03 14.61
N VAL A 418 -11.05 7.29 13.51
CA VAL A 418 -11.19 7.85 12.17
C VAL A 418 -12.68 7.93 11.86
N ARG A 419 -13.20 9.14 11.67
CA ARG A 419 -14.65 9.31 11.49
C ARG A 419 -15.07 9.66 10.06
N ASP A 420 -14.38 10.62 9.45
CA ASP A 420 -14.75 11.04 8.11
C ASP A 420 -13.55 10.93 7.20
N VAL A 421 -13.79 10.53 5.95
CA VAL A 421 -12.70 10.35 5.00
C VAL A 421 -13.08 10.93 3.66
N MET A 422 -12.18 11.71 3.08
CA MET A 422 -12.41 12.37 1.80
C MET A 422 -11.33 11.92 0.82
N VAL A 423 -11.72 11.60 -0.41
CA VAL A 423 -10.75 11.24 -1.45
C VAL A 423 -11.14 12.03 -2.69
N ALA A 424 -10.19 12.75 -3.27
CA ALA A 424 -10.43 13.56 -4.47
C ALA A 424 -11.59 14.53 -4.25
N GLY A 425 -11.67 15.08 -3.04
CA GLY A 425 -12.65 16.09 -2.73
C GLY A 425 -14.04 15.56 -2.46
N ARG A 426 -14.19 14.24 -2.47
CA ARG A 426 -15.48 13.61 -2.27
C ARG A 426 -15.51 12.91 -0.91
N TRP A 427 -16.55 13.14 -0.12
CA TRP A 427 -16.70 12.39 1.12
C TRP A 427 -17.06 10.95 0.80
N VAL A 428 -16.20 10.03 1.23
CA VAL A 428 -16.46 8.61 0.99
C VAL A 428 -16.75 7.86 2.30
N VAL A 429 -16.37 8.44 3.44
CA VAL A 429 -16.79 7.89 4.74
C VAL A 429 -17.27 9.06 5.57
N ARG A 430 -18.45 8.92 6.17
CA ARG A 430 -19.00 9.95 7.05
C ARG A 430 -19.47 9.27 8.32
N ASP A 431 -18.99 9.73 9.48
CA ASP A 431 -19.35 9.14 10.76
C ASP A 431 -19.18 7.61 10.71
N GLY A 432 -18.06 7.19 10.14
CA GLY A 432 -17.70 5.78 10.10
C GLY A 432 -18.41 4.95 9.06
N ARG A 433 -19.32 5.56 8.30
CA ARG A 433 -20.12 4.82 7.31
C ARG A 433 -19.78 5.16 5.87
N HIS A 434 -19.75 4.13 5.03
CA HIS A 434 -19.56 4.27 3.61
C HIS A 434 -20.91 4.00 2.93
N ALA A 435 -21.30 4.84 1.98
CA ALA A 435 -22.65 4.73 1.38
C ALA A 435 -22.89 3.40 0.67
N GLY A 436 -21.82 2.74 0.24
CA GLY A 436 -21.95 1.50 -0.50
C GLY A 436 -21.79 0.26 0.37
N GLU A 437 -21.65 0.45 1.67
CA GLU A 437 -21.32 -0.66 2.56
C GLU A 437 -22.38 -1.76 2.63
N GLU A 438 -23.66 -1.41 2.61
CA GLU A 438 -24.70 -2.42 2.75
C GLU A 438 -24.72 -3.36 1.54
N ARG A 439 -24.72 -2.78 0.34
CA ARG A 439 -24.75 -3.57 -0.89
C ARG A 439 -23.48 -4.40 -1.01
N SER A 440 -22.34 -3.79 -0.70
CA SER A 440 -21.07 -4.50 -0.82
C SER A 440 -21.01 -5.68 0.14
N ALA A 441 -21.40 -5.46 1.40
CA ALA A 441 -21.34 -6.55 2.38
C ALA A 441 -22.23 -7.72 1.99
N ARG A 442 -23.38 -7.44 1.41
CA ARG A 442 -24.29 -8.51 0.98
C ARG A 442 -23.68 -9.31 -0.17
N ALA A 443 -23.06 -8.61 -1.12
CA ALA A 443 -22.41 -9.30 -2.24
C ALA A 443 -21.24 -10.12 -1.71
N PHE A 444 -20.51 -9.55 -0.76
CA PHE A 444 -19.29 -10.14 -0.24
C PHE A 444 -19.59 -11.39 0.58
N VAL A 445 -20.59 -11.35 1.46
CA VAL A 445 -20.90 -12.55 2.25
C VAL A 445 -21.35 -13.69 1.32
N GLN A 446 -22.03 -13.37 0.22
CA GLN A 446 -22.43 -14.38 -0.76
C GLN A 446 -21.19 -15.00 -1.40
N VAL A 447 -20.23 -14.16 -1.77
CA VAL A 447 -18.98 -14.66 -2.34
C VAL A 447 -18.21 -15.54 -1.36
N LEU A 448 -18.12 -15.11 -0.10
CA LEU A 448 -17.48 -15.94 0.91
C LEU A 448 -18.11 -17.32 1.01
N GLY A 449 -19.45 -17.38 0.95
CA GLY A 449 -20.15 -18.65 0.99
C GLY A 449 -19.81 -19.52 -0.20
N GLU A 450 -19.66 -18.90 -1.37
CA GLU A 450 -19.33 -19.65 -2.58
C GLU A 450 -17.94 -20.27 -2.50
N LEU A 451 -17.03 -19.54 -1.87
CA LEU A 451 -15.63 -19.94 -1.81
C LEU A 451 -15.34 -20.97 -0.73
N LEU A 452 -16.11 -20.92 0.35
CA LEU A 452 -15.74 -21.63 1.57
C LEU A 452 -16.75 -22.71 1.95
#